data_7XV4
#
_entry.id   7XV4
#
_cell.length_a   39.035
_cell.length_b   53.110
_cell.length_c   55.224
_cell.angle_alpha   90.000
_cell.angle_beta   90.000
_cell.angle_gamma   90.000
#
_symmetry.space_group_name_H-M   'P 21 21 21'
#
loop_
_entity.id
_entity.type
_entity.pdbx_description
1 polymer 'Replication protein A 70 kDa DNA-binding subunit'
2 polymer 'ATR-interacting protein'
3 water water
#
loop_
_entity_poly.entity_id
_entity_poly.type
_entity_poly.pdbx_seq_one_letter_code
_entity_poly.pdbx_strand_id
1 'polypeptide(L)'
;SMVGQLSEGAIAAIMQKGDTNIKPILQVINIRPITTGNSPPRYRLLMSDGLNTLSSFMLATQLNPLVEEEQLSSNCVCQI
HRFIVNTLKDGRRVVILMELEVLKSAEAVGVKIGNPVPYNE
;
A
2 'polypeptide(L)' GDFTADDLEELDTLASQ B
#
# COMPACT_ATOMS: atom_id res chain seq x y z
N SER A 1 -10.25 -2.26 19.91
CA SER A 1 -11.01 -2.13 18.66
C SER A 1 -10.20 -2.65 17.48
N MET A 2 -10.88 -3.02 16.39
CA MET A 2 -10.09 -3.53 15.27
C MET A 2 -9.24 -2.43 14.65
N VAL A 3 -9.75 -1.20 14.57
CA VAL A 3 -8.93 -0.13 14.01
C VAL A 3 -7.74 0.18 14.90
N GLY A 4 -7.85 -0.14 16.19
CA GLY A 4 -6.71 0.05 17.10
C GLY A 4 -5.49 -0.75 16.71
N GLN A 5 -5.67 -1.79 15.87
CA GLN A 5 -4.57 -2.61 15.38
C GLN A 5 -3.80 -1.95 14.24
N LEU A 6 -4.33 -0.87 13.67
CA LEU A 6 -3.68 -0.22 12.55
C LEU A 6 -2.99 1.05 12.99
N SER A 7 -2.00 1.46 12.18
CA SER A 7 -1.22 2.67 12.43
C SER A 7 -1.97 3.89 11.89
N GLU A 8 -3.01 4.29 12.62
CA GLU A 8 -3.83 5.42 12.21
C GLU A 8 -2.97 6.67 12.08
N GLY A 9 -3.07 7.34 10.93
CA GLY A 9 -2.30 8.53 10.65
C GLY A 9 -0.98 8.29 9.93
N ALA A 10 -0.60 7.03 9.73
CA ALA A 10 0.69 6.75 9.07
C ALA A 10 0.69 7.21 7.63
N ILE A 11 -0.43 7.13 6.92
CA ILE A 11 -0.46 7.60 5.53
C ILE A 11 -0.19 9.10 5.49
N ALA A 12 -0.84 9.87 6.37
CA ALA A 12 -0.53 11.29 6.41
C ALA A 12 0.92 11.54 6.78
N ALA A 13 1.47 10.73 7.68
CA ALA A 13 2.86 10.94 8.09
C ALA A 13 3.81 10.68 6.92
N ILE A 14 3.49 9.69 6.09
CA ILE A 14 4.32 9.41 4.92
C ILE A 14 4.21 10.54 3.90
N MET A 15 2.97 10.99 3.64
CA MET A 15 2.71 11.92 2.53
C MET A 15 3.06 13.36 2.91
N GLN A 16 2.68 13.77 4.11
CA GLN A 16 2.88 15.18 4.51
C GLN A 16 4.23 15.39 5.17
N LYS A 17 4.58 14.56 6.16
CA LYS A 17 5.81 14.85 6.94
C LYS A 17 7.07 14.23 6.32
N GLY A 18 6.92 13.37 5.33
CA GLY A 18 8.08 12.72 4.75
C GLY A 18 8.73 11.74 5.70
N ASP A 19 7.94 11.09 6.55
CA ASP A 19 8.43 10.07 7.47
C ASP A 19 8.84 8.83 6.67
N THR A 20 10.08 8.38 6.83
CA THR A 20 10.58 7.25 6.07
C THR A 20 11.02 6.08 6.94
N ASN A 21 11.18 6.27 8.25
CA ASN A 21 11.67 5.23 9.13
C ASN A 21 10.59 4.59 9.97
N ILE A 22 9.34 5.02 9.85
CA ILE A 22 8.25 4.35 10.55
C ILE A 22 8.01 2.98 9.92
N LYS A 23 7.39 2.09 10.71
CA LYS A 23 7.09 0.73 10.26
C LYS A 23 5.61 0.48 10.47
N PRO A 24 4.76 1.16 9.71
CA PRO A 24 3.34 1.17 10.02
C PRO A 24 2.66 -0.14 9.70
N ILE A 25 1.61 -0.42 10.46
CA ILE A 25 0.73 -1.56 10.22
C ILE A 25 -0.49 -1.07 9.44
N LEU A 26 -0.71 -1.66 8.27
CA LEU A 26 -1.73 -1.24 7.33
C LEU A 26 -2.55 -2.43 6.89
N GLN A 27 -3.76 -2.15 6.41
CA GLN A 27 -4.61 -3.19 5.83
C GLN A 27 -4.63 -3.03 4.31
N VAL A 28 -4.47 -4.14 3.59
CA VAL A 28 -4.69 -4.14 2.15
C VAL A 28 -6.19 -4.08 1.89
N ILE A 29 -6.63 -3.08 1.12
CA ILE A 29 -8.03 -3.01 0.69
C ILE A 29 -8.22 -3.71 -0.65
N ASN A 30 -7.34 -3.43 -1.61
CA ASN A 30 -7.42 -4.00 -2.95
C ASN A 30 -6.02 -4.11 -3.54
N ILE A 31 -5.85 -5.11 -4.42
CA ILE A 31 -4.63 -5.31 -5.22
C ILE A 31 -5.03 -5.30 -6.68
N ARG A 32 -4.32 -4.53 -7.48
CA ARG A 32 -4.63 -4.41 -8.91
C ARG A 32 -3.36 -4.64 -9.73
N PRO A 33 -3.31 -5.63 -10.62
CA PRO A 33 -2.15 -5.75 -11.48
C PRO A 33 -2.11 -4.55 -12.42
N ILE A 34 -0.93 -4.12 -12.77
CA ILE A 34 -0.88 -3.05 -13.76
C ILE A 34 0.10 -3.43 -14.86
N THR A 35 -0.11 -2.83 -16.04
CA THR A 35 0.77 -3.00 -17.20
C THR A 35 0.39 -2.01 -18.32
N PRO A 40 6.44 -8.11 -17.29
CA PRO A 40 6.47 -8.68 -15.94
C PRO A 40 5.53 -7.93 -15.00
N PRO A 41 4.70 -8.63 -14.24
CA PRO A 41 3.58 -7.94 -13.58
C PRO A 41 4.06 -7.03 -12.47
N ARG A 42 3.34 -5.93 -12.30
CA ARG A 42 3.52 -5.05 -11.17
C ARG A 42 2.16 -4.90 -10.50
N TYR A 43 2.19 -4.64 -9.19
CA TYR A 43 0.94 -4.60 -8.43
C TYR A 43 0.80 -3.26 -7.73
N ARG A 44 -0.32 -2.58 -7.99
CA ARG A 44 -0.72 -1.41 -7.25
C ARG A 44 -1.61 -1.85 -6.10
N LEU A 45 -1.45 -1.20 -4.94
CA LEU A 45 -2.25 -1.53 -3.77
C LEU A 45 -2.99 -0.31 -3.27
N LEU A 46 -4.28 -0.50 -3.00
CA LEU A 46 -5.04 0.43 -2.19
C LEU A 46 -4.92 -0.03 -0.74
N MET A 47 -4.29 0.79 0.11
CA MET A 47 -3.94 0.41 1.47
C MET A 47 -4.67 1.35 2.42
N SER A 48 -4.92 0.90 3.65
CA SER A 48 -5.62 1.67 4.67
C SER A 48 -4.84 1.68 5.98
N ASP A 49 -4.79 2.85 6.63
CA ASP A 49 -4.28 2.91 7.99
C ASP A 49 -5.40 3.06 9.02
N GLY A 50 -6.65 2.80 8.61
CA GLY A 50 -7.78 2.95 9.49
C GLY A 50 -8.44 4.32 9.43
N LEU A 51 -7.69 5.36 9.12
CA LEU A 51 -8.26 6.69 8.93
C LEU A 51 -8.35 7.05 7.46
N ASN A 52 -7.29 6.73 6.74
CA ASN A 52 -7.24 7.12 5.33
C ASN A 52 -6.87 5.94 4.44
N THR A 53 -7.28 6.04 3.18
CA THR A 53 -6.78 5.05 2.21
C THR A 53 -5.86 5.82 1.26
N LEU A 54 -4.89 5.15 0.68
CA LEU A 54 -4.00 5.71 -0.33
C LEU A 54 -3.95 4.73 -1.48
N SER A 55 -4.08 5.24 -2.71
CA SER A 55 -4.20 4.39 -3.89
C SER A 55 -2.87 4.14 -4.59
N SER A 56 -1.78 4.77 -4.13
CA SER A 56 -0.55 4.86 -4.90
C SER A 56 0.58 4.04 -4.28
N PHE A 57 0.24 2.98 -3.59
CA PHE A 57 1.26 2.01 -3.16
C PHE A 57 1.59 1.09 -4.33
N MET A 58 2.88 0.77 -4.47
CA MET A 58 3.32 -0.17 -5.52
C MET A 58 4.22 -1.22 -4.85
N LEU A 59 4.04 -2.48 -5.22
CA LEU A 59 4.91 -3.53 -4.65
C LEU A 59 6.22 -3.63 -5.42
N ALA A 60 7.34 -3.57 -4.72
CA ALA A 60 8.60 -3.92 -5.37
C ALA A 60 8.46 -5.29 -5.99
N THR A 61 9.10 -5.47 -7.16
CA THR A 61 9.04 -6.74 -7.88
C THR A 61 9.46 -7.92 -7.00
N GLN A 62 10.42 -7.70 -6.10
CA GLN A 62 10.89 -8.79 -5.27
C GLN A 62 9.80 -9.33 -4.35
N LEU A 63 8.72 -8.58 -4.13
CA LEU A 63 7.62 -9.02 -3.28
C LEU A 63 6.48 -9.66 -4.07
N ASN A 64 6.58 -9.73 -5.39
CA ASN A 64 5.49 -10.30 -6.18
C ASN A 64 5.07 -11.71 -5.76
N PRO A 65 5.96 -12.60 -5.32
CA PRO A 65 5.49 -13.92 -4.87
C PRO A 65 4.45 -13.86 -3.76
N LEU A 66 4.47 -12.81 -2.94
CA LEU A 66 3.44 -12.71 -1.90
C LEU A 66 2.06 -12.59 -2.49
N VAL A 67 1.95 -11.90 -3.62
CA VAL A 67 0.66 -11.82 -4.32
C VAL A 67 0.40 -13.11 -5.09
N GLU A 68 1.43 -13.59 -5.81
CA GLU A 68 1.28 -14.75 -6.66
C GLU A 68 0.81 -15.96 -5.88
N GLU A 69 1.31 -16.14 -4.66
CA GLU A 69 0.92 -17.26 -3.81
C GLU A 69 -0.19 -16.90 -2.83
N GLU A 70 -0.83 -15.74 -3.03
CA GLU A 70 -2.07 -15.34 -2.37
C GLU A 70 -1.94 -15.17 -0.85
N GLN A 71 -0.74 -14.90 -0.33
CA GLN A 71 -0.67 -14.51 1.08
C GLN A 71 -0.93 -13.03 1.29
N LEU A 72 -0.59 -12.18 0.33
CA LEU A 72 -0.95 -10.77 0.38
C LEU A 72 -2.23 -10.65 -0.45
N SER A 73 -3.34 -10.33 0.21
CA SER A 73 -4.61 -10.28 -0.50
C SER A 73 -5.53 -9.29 0.20
N SER A 74 -6.63 -8.95 -0.46
CA SER A 74 -7.56 -7.98 0.10
C SER A 74 -8.02 -8.40 1.48
N ASN A 75 -7.89 -7.47 2.44
CA ASN A 75 -8.27 -7.51 3.86
C ASN A 75 -7.15 -8.00 4.76
N CYS A 76 -6.05 -8.52 4.23
CA CYS A 76 -4.95 -8.90 5.11
C CYS A 76 -4.33 -7.65 5.75
N VAL A 77 -3.67 -7.87 6.88
CA VAL A 77 -3.02 -6.80 7.62
C VAL A 77 -1.52 -7.04 7.60
N CYS A 78 -0.75 -6.01 7.25
CA CYS A 78 0.69 -6.17 7.11
C CYS A 78 1.41 -5.03 7.79
N GLN A 79 2.66 -5.31 8.13
CA GLN A 79 3.54 -4.29 8.67
C GLN A 79 4.58 -3.95 7.61
N ILE A 80 4.71 -2.65 7.29
CA ILE A 80 5.70 -2.23 6.30
C ILE A 80 7.05 -2.07 6.99
N HIS A 81 8.08 -2.75 6.48
CA HIS A 81 9.39 -2.63 7.09
C HIS A 81 10.36 -1.78 6.31
N ARG A 82 10.16 -1.68 5.01
CA ARG A 82 11.02 -0.78 4.19
C ARG A 82 10.18 -0.23 3.04
N PHE A 83 10.29 1.08 2.82
CA PHE A 83 9.57 1.68 1.70
C PHE A 83 10.32 2.93 1.27
N ILE A 84 10.03 3.35 0.05
CA ILE A 84 10.62 4.53 -0.58
C ILE A 84 9.48 5.28 -1.24
N VAL A 85 9.48 6.61 -1.13
CA VAL A 85 8.48 7.40 -1.83
C VAL A 85 9.19 8.02 -3.02
N ASN A 86 8.56 7.94 -4.19
CA ASN A 86 9.12 8.53 -5.41
C ASN A 86 8.05 9.36 -6.09
N THR A 87 8.49 10.40 -6.80
CA THR A 87 7.61 11.30 -7.54
C THR A 87 7.71 11.03 -9.02
N LEU A 88 6.55 10.90 -9.67
CA LEU A 88 6.55 10.71 -11.12
C LEU A 88 6.62 12.06 -11.84
N LYS A 89 6.83 11.96 -13.14
CA LYS A 89 6.99 13.15 -13.97
C LYS A 89 5.81 14.12 -13.86
N ASP A 90 4.60 13.58 -13.70
CA ASP A 90 3.41 14.40 -13.62
C ASP A 90 3.11 14.91 -12.21
N GLY A 91 3.95 14.58 -11.23
CA GLY A 91 3.75 15.03 -9.87
C GLY A 91 3.09 14.03 -8.95
N ARG A 92 2.54 12.94 -9.49
CA ARG A 92 1.95 11.93 -8.62
C ARG A 92 3.04 11.24 -7.80
N ARG A 93 2.78 11.00 -6.53
CA ARG A 93 3.76 10.38 -5.68
C ARG A 93 3.35 8.93 -5.46
N VAL A 94 4.32 8.02 -5.51
CA VAL A 94 4.09 6.58 -5.36
C VAL A 94 4.91 6.08 -4.17
N VAL A 95 4.30 5.22 -3.35
CA VAL A 95 4.97 4.63 -2.20
C VAL A 95 5.33 3.21 -2.58
N ILE A 96 6.62 2.95 -2.75
CA ILE A 96 7.11 1.64 -3.18
C ILE A 96 7.43 0.81 -1.95
N LEU A 97 6.73 -0.31 -1.80
CA LEU A 97 6.93 -1.21 -0.67
C LEU A 97 8.02 -2.20 -0.98
N MET A 98 9.08 -2.17 -0.17
CA MET A 98 10.26 -3.01 -0.39
C MET A 98 10.31 -4.24 0.51
N GLU A 99 9.89 -4.11 1.76
CA GLU A 99 9.87 -5.21 2.71
C GLU A 99 8.60 -5.08 3.52
N LEU A 100 7.90 -6.18 3.71
CA LEU A 100 6.76 -6.15 4.60
C LEU A 100 6.54 -7.53 5.15
N GLU A 101 5.78 -7.59 6.22
CA GLU A 101 5.37 -8.85 6.82
C GLU A 101 3.86 -8.90 6.86
N VAL A 102 3.29 -10.03 6.42
CA VAL A 102 1.85 -10.22 6.56
C VAL A 102 1.60 -10.71 7.98
N LEU A 103 0.95 -9.87 8.80
CA LEU A 103 0.70 -10.21 10.19
C LEU A 103 -0.54 -11.07 10.38
N LYS A 104 -1.58 -10.83 9.57
CA LYS A 104 -2.84 -11.54 9.67
C LYS A 104 -3.40 -11.71 8.28
N SER A 105 -3.77 -12.95 7.94
CA SER A 105 -4.28 -13.24 6.61
C SER A 105 -5.64 -12.57 6.40
N ALA A 106 -6.00 -12.39 5.13
CA ALA A 106 -7.32 -11.90 4.80
C ALA A 106 -8.41 -12.70 5.49
N GLU A 107 -8.27 -14.03 5.49
CA GLU A 107 -9.27 -14.91 6.08
C GLU A 107 -9.36 -14.74 7.59
N ALA A 108 -8.24 -14.39 8.25
CA ALA A 108 -8.28 -14.20 9.68
C ALA A 108 -8.80 -12.83 10.09
N VAL A 109 -8.77 -11.85 9.19
CA VAL A 109 -9.28 -10.53 9.48
C VAL A 109 -10.74 -10.49 9.07
N GLY A 110 -11.02 -10.80 7.80
CA GLY A 110 -12.37 -11.09 7.35
C GLY A 110 -13.20 -9.92 6.86
N VAL A 111 -12.81 -8.68 7.17
CA VAL A 111 -13.57 -7.50 6.77
C VAL A 111 -12.59 -6.37 6.56
N LYS A 112 -13.03 -5.34 5.82
CA LYS A 112 -12.36 -4.05 5.85
C LYS A 112 -12.58 -3.42 7.22
N ILE A 113 -11.48 -2.99 7.83
CA ILE A 113 -11.49 -2.44 9.18
C ILE A 113 -11.89 -0.97 9.15
N GLY A 114 -12.89 -0.62 9.95
CA GLY A 114 -13.27 0.78 10.08
C GLY A 114 -13.83 1.35 8.79
N ASN A 115 -13.70 2.68 8.66
CA ASN A 115 -14.27 3.41 7.52
C ASN A 115 -13.29 4.48 7.05
N PRO A 116 -12.15 4.06 6.50
CA PRO A 116 -11.15 5.02 6.05
C PRO A 116 -11.64 5.78 4.83
N VAL A 117 -11.20 7.04 4.73
CA VAL A 117 -11.55 7.87 3.58
C VAL A 117 -10.33 8.17 2.72
N PRO A 118 -10.49 8.44 1.43
CA PRO A 118 -9.33 8.64 0.56
C PRO A 118 -8.49 9.83 0.99
N TYR A 119 -7.18 9.61 1.11
CA TYR A 119 -6.27 10.72 1.33
C TYR A 119 -6.23 11.59 0.09
N ASN A 120 -6.07 12.89 0.28
CA ASN A 120 -6.02 13.84 -0.83
C ASN A 120 -4.71 13.70 -1.60
N GLU A 121 -4.74 12.98 -2.73
CA GLU A 121 -3.54 12.81 -3.58
C GLU A 121 -3.61 13.73 -4.80
N GLY B 1 -6.17 6.34 -8.17
CA GLY B 1 -6.51 5.05 -8.75
C GLY B 1 -5.47 4.57 -9.75
N ASP B 2 -5.94 4.14 -10.93
CA ASP B 2 -5.04 3.61 -11.92
C ASP B 2 -4.04 4.67 -12.40
N PHE B 3 -2.95 4.18 -12.96
CA PHE B 3 -1.92 5.04 -13.48
C PHE B 3 -2.21 5.38 -14.94
N THR B 4 -1.84 6.60 -15.34
CA THR B 4 -1.95 6.99 -16.73
C THR B 4 -0.93 6.24 -17.58
N ALA B 5 -1.13 6.32 -18.90
CA ALA B 5 -0.20 5.66 -19.82
C ALA B 5 1.22 6.14 -19.60
N ASP B 6 1.39 7.44 -19.37
CA ASP B 6 2.75 8.01 -19.18
C ASP B 6 3.35 7.48 -17.87
N ASP B 7 2.58 7.51 -16.78
CA ASP B 7 3.07 6.96 -15.52
C ASP B 7 3.55 5.53 -15.67
N LEU B 8 2.84 4.73 -16.45
CA LEU B 8 3.16 3.31 -16.57
C LEU B 8 4.57 3.12 -17.12
N GLU B 9 4.96 3.95 -18.09
CA GLU B 9 6.32 3.88 -18.64
C GLU B 9 7.36 4.16 -17.57
N GLU B 10 7.12 5.18 -16.73
CA GLU B 10 8.09 5.55 -15.72
C GLU B 10 8.16 4.53 -14.58
N LEU B 11 7.04 3.87 -14.26
CA LEU B 11 7.04 2.96 -13.09
C LEU B 11 7.85 1.70 -13.40
N ASP B 12 7.95 1.36 -14.68
CA ASP B 12 8.67 0.11 -15.04
C ASP B 12 10.08 0.13 -14.42
N THR B 13 10.78 1.26 -14.48
CA THR B 13 12.14 1.40 -13.92
C THR B 13 12.07 1.28 -12.41
#